data_7CG6
#
_entry.id   7CG6
#
_cell.length_a   70.813
_cell.length_b   70.813
_cell.length_c   127.377
_cell.angle_alpha   90.000
_cell.angle_beta   90.000
_cell.angle_gamma   90.000
#
_symmetry.space_group_name_H-M   'P 43 21 2'
#
loop_
_entity.id
_entity.type
_entity.pdbx_description
1 polymer 'Epoxide hydrolase'
2 water water
#
_entity_poly.entity_id   1
_entity_poly.type   'polypeptide(L)'
_entity_poly.pdbx_seq_one_letter_code
;MGMEEIEHRTVEVNGIKMHVAEKGEGPVVLFLHGFPELWYSWRHQILALSSRGYRAVAPDLRGYGDTEAPVSISSYTGFH
IVGDLIALIDLLGVDQVFLVAHDWGAIIGWYLCTFHPDRVKAYVCLSVPLLHRDPNIRTVDAMRAMYGDDYYICRFQKPG
EMEAQMAEVGTEYVLKNILTTRKPGPPIFPKGEYGTGFNPDMPNSLPSWLTQDDLAYYVSKYEKTGFTGPLNYYRNMNLN
WELTAPWSGGKIQVPVKFITGELDQVYTSLNMKEYIHGGGFKQDVPNLEEVIVQKNVAHFNNQEAAEEINNHIYDFIKKF
LQHHHHHH
;
_entity_poly.pdbx_strand_id   B
#
# COMPACT_ATOMS: atom_id res chain seq x y z
N MET A 3 2.72 1.83 22.08
CA MET A 3 1.40 2.03 21.48
C MET A 3 0.61 3.17 22.13
N GLU A 4 0.61 3.20 23.46
CA GLU A 4 -0.12 4.23 24.21
C GLU A 4 0.63 5.55 24.27
N GLU A 5 1.86 5.57 23.75
CA GLU A 5 2.59 6.81 23.61
C GLU A 5 2.56 7.29 22.16
N ILE A 6 2.00 6.46 21.27
CA ILE A 6 1.72 6.89 19.90
C ILE A 6 0.64 7.97 19.94
N GLU A 7 0.81 9.06 19.21
CA GLU A 7 -0.24 10.10 19.23
C GLU A 7 -1.20 10.01 18.04
N HIS A 8 -2.50 10.09 18.33
CA HIS A 8 -3.55 10.02 17.32
C HIS A 8 -4.36 11.29 17.25
N ARG A 9 -4.12 12.12 16.24
CA ARG A 9 -4.90 13.33 16.05
C ARG A 9 -5.65 13.33 14.72
N THR A 10 -6.73 14.10 14.66
CA THR A 10 -7.41 14.38 13.41
C THR A 10 -6.85 15.70 12.87
N VAL A 11 -6.50 15.73 11.60
CA VAL A 11 -6.16 16.97 10.94
C VAL A 11 -7.12 17.24 9.78
N GLU A 12 -7.01 18.43 9.21
CA GLU A 12 -7.83 18.83 8.09
C GLU A 12 -6.89 18.95 6.89
N VAL A 13 -7.03 18.05 5.91
CA VAL A 13 -6.16 18.10 4.72
C VAL A 13 -6.92 17.91 3.43
N ASN A 14 -6.68 18.82 2.49
CA ASN A 14 -7.28 18.75 1.16
C ASN A 14 -8.80 18.53 1.25
N GLY A 15 -9.44 19.25 2.16
CA GLY A 15 -10.89 19.21 2.29
C GLY A 15 -11.45 18.02 3.04
N ILE A 16 -10.60 17.11 3.50
CA ILE A 16 -11.09 15.99 4.29
C ILE A 16 -10.48 15.93 5.68
N LYS A 17 -11.12 15.15 6.54
CA LYS A 17 -10.63 14.92 7.89
C LYS A 17 -9.86 13.62 7.90
N MET A 18 -8.56 13.72 8.16
CA MET A 18 -7.69 12.55 8.16
C MET A 18 -7.14 12.25 9.54
N HIS A 19 -7.28 10.98 9.94
CA HIS A 19 -6.70 10.49 11.17
C HIS A 19 -5.21 10.24 10.99
N VAL A 20 -4.39 10.88 11.83
CA VAL A 20 -2.96 10.70 11.75
C VAL A 20 -2.41 10.02 13.02
N ALA A 21 -1.41 9.17 12.83
CA ALA A 21 -0.66 8.57 13.94
C ALA A 21 0.77 9.08 13.94
N GLU A 22 1.28 9.54 15.09
CA GLU A 22 2.62 10.09 15.12
C GLU A 22 3.43 9.68 16.37
N LYS A 23 4.74 9.56 16.19
CA LYS A 23 5.67 9.40 17.29
C LYS A 23 7.11 9.70 16.88
N GLY A 24 7.84 10.30 17.82
CA GLY A 24 9.25 10.61 17.62
C GLY A 24 9.51 12.06 17.22
N GLU A 25 10.77 12.47 17.30
CA GLU A 25 11.19 13.72 16.73
C GLU A 25 12.33 13.42 15.77
N GLY A 26 12.55 14.31 14.82
CA GLY A 26 13.63 14.12 13.87
C GLY A 26 13.13 14.40 12.47
N PRO A 27 13.91 13.98 11.46
CA PRO A 27 13.40 14.12 10.09
C PRO A 27 12.19 13.19 9.92
N VAL A 28 11.22 13.60 9.10
CA VAL A 28 9.96 12.87 9.00
C VAL A 28 10.08 11.59 8.19
N VAL A 29 9.60 10.49 8.78
CA VAL A 29 9.37 9.28 8.00
C VAL A 29 7.86 9.07 7.83
N LEU A 30 7.40 9.18 6.58
CA LEU A 30 5.98 9.12 6.29
C LEU A 30 5.57 7.72 5.83
N PHE A 31 4.69 7.08 6.58
CA PHE A 31 4.29 5.70 6.28
C PHE A 31 2.91 5.61 5.62
N LEU A 32 2.84 4.92 4.49
CA LEU A 32 1.59 4.73 3.75
C LEU A 32 1.17 3.26 3.66
N HIS A 33 0.10 2.88 4.36
CA HIS A 33 -0.41 1.51 4.32
C HIS A 33 -1.11 1.21 2.98
N GLY A 34 -1.50 -0.04 2.79
CA GLY A 34 -2.20 -0.47 1.59
C GLY A 34 -3.52 -1.16 1.93
N PHE A 35 -3.98 -2.00 1.02
CA PHE A 35 -5.27 -2.70 1.15
C PHE A 35 -5.03 -4.11 1.68
N PRO A 36 -5.91 -4.59 2.60
CA PRO A 36 -6.96 -3.87 3.32
C PRO A 36 -6.47 -3.57 4.73
N GLU A 37 -5.55 -2.63 4.85
CA GLU A 37 -4.90 -2.39 6.13
C GLU A 37 -5.30 -1.05 6.74
N LEU A 38 -4.46 -0.56 7.66
CA LEU A 38 -4.69 0.71 8.35
C LEU A 38 -3.33 1.30 8.72
N TRP A 39 -3.34 2.47 9.37
CA TRP A 39 -2.13 3.05 9.93
C TRP A 39 -1.45 1.98 10.81
N TYR A 40 -2.27 1.11 11.36
CA TYR A 40 -1.90 0.13 12.37
C TYR A 40 -0.89 -0.88 11.86
N SER A 41 -0.90 -1.15 10.56
CA SER A 41 -0.01 -2.15 10.01
C SER A 41 1.44 -1.77 10.22
N TRP A 42 1.68 -0.48 10.48
CA TRP A 42 3.02 0.05 10.62
C TRP A 42 3.46 0.11 12.06
N ARG A 43 2.65 -0.44 12.96
CA ARG A 43 2.86 -0.33 14.39
C ARG A 43 4.31 -0.58 14.84
N HIS A 44 4.97 -1.59 14.27
CA HIS A 44 6.36 -1.88 14.64
C HIS A 44 7.34 -0.86 14.06
N GLN A 45 7.10 -0.44 12.83
CA GLN A 45 8.00 0.51 12.20
C GLN A 45 7.92 1.89 12.89
N ILE A 46 6.74 2.21 13.43
CA ILE A 46 6.52 3.49 14.11
C ILE A 46 7.34 3.52 15.40
N LEU A 47 7.29 2.44 16.16
CA LEU A 47 8.04 2.37 17.42
C LEU A 47 9.54 2.40 17.19
N ALA A 48 10.01 1.56 16.28
CA ALA A 48 11.44 1.45 16.01
C ALA A 48 12.03 2.77 15.54
N LEU A 49 11.44 3.35 14.50
CA LEU A 49 12.04 4.52 13.88
C LEU A 49 11.95 5.75 14.77
N SER A 50 10.93 5.80 15.61
CA SER A 50 10.76 6.93 16.51
C SER A 50 11.86 6.85 17.56
N SER A 51 12.16 5.63 17.98
CA SER A 51 13.19 5.38 18.98
C SER A 51 14.62 5.43 18.42
N ARG A 52 14.78 5.96 17.22
CA ARG A 52 16.11 6.19 16.68
C ARG A 52 16.28 7.61 16.16
N GLY A 53 15.39 8.50 16.58
CA GLY A 53 15.53 9.92 16.27
C GLY A 53 14.92 10.36 14.95
N TYR A 54 13.86 9.66 14.55
CA TYR A 54 13.10 10.07 13.37
C TYR A 54 11.66 10.41 13.75
N ARG A 55 11.04 11.30 12.98
CA ARG A 55 9.63 11.59 13.16
C ARG A 55 8.80 10.59 12.37
N ALA A 56 8.10 9.69 13.07
CA ALA A 56 7.26 8.68 12.43
C ALA A 56 5.83 9.15 12.29
N VAL A 57 5.35 9.20 11.06
CA VAL A 57 3.99 9.66 10.79
C VAL A 57 3.26 8.67 9.88
N ALA A 58 2.15 8.12 10.38
CA ALA A 58 1.37 7.11 9.66
C ALA A 58 -0.12 7.45 9.64
N PRO A 59 -0.60 8.06 8.55
CA PRO A 59 -2.04 8.33 8.45
C PRO A 59 -2.87 7.09 8.08
N ASP A 60 -4.13 7.08 8.49
CA ASP A 60 -5.14 6.33 7.78
C ASP A 60 -5.43 7.09 6.50
N LEU A 61 -5.26 6.43 5.35
CA LEU A 61 -5.50 7.10 4.07
C LEU A 61 -7.00 7.36 3.83
N ARG A 62 -7.29 8.21 2.85
CA ARG A 62 -8.66 8.50 2.46
C ARG A 62 -9.49 7.23 2.25
N GLY A 63 -10.54 7.06 3.04
CA GLY A 63 -11.49 5.97 2.86
C GLY A 63 -11.26 4.84 3.85
N TYR A 64 -10.20 4.97 4.63
CA TYR A 64 -9.77 3.94 5.56
C TYR A 64 -9.94 4.31 7.02
N GLY A 65 -10.38 3.34 7.82
CA GLY A 65 -10.32 3.43 9.27
C GLY A 65 -11.05 4.62 9.87
N ASP A 66 -10.28 5.58 10.39
CA ASP A 66 -10.86 6.76 11.02
C ASP A 66 -10.75 8.01 10.15
N THR A 67 -10.27 7.84 8.92
CA THR A 67 -10.22 8.94 7.97
C THR A 67 -11.52 9.02 7.15
N GLU A 68 -11.91 10.25 6.82
CA GLU A 68 -13.09 10.54 6.01
C GLU A 68 -13.13 9.73 4.74
N ALA A 69 -14.30 9.14 4.46
CA ALA A 69 -14.52 8.31 3.28
C ALA A 69 -15.57 8.92 2.37
N PRO A 70 -15.15 9.78 1.42
CA PRO A 70 -16.04 10.36 0.43
C PRO A 70 -16.80 9.29 -0.33
N VAL A 71 -18.00 9.61 -0.76
CA VAL A 71 -18.91 8.65 -1.34
C VAL A 71 -18.68 8.38 -2.84
N SER A 72 -18.20 9.39 -3.55
CA SER A 72 -18.02 9.26 -4.97
C SER A 72 -16.79 8.43 -5.31
N ILE A 73 -16.96 7.44 -6.19
CA ILE A 73 -15.84 6.65 -6.67
C ILE A 73 -14.74 7.56 -7.20
N SER A 74 -15.10 8.66 -7.84
CA SER A 74 -14.13 9.51 -8.53
C SER A 74 -13.29 10.36 -7.59
N SER A 75 -13.57 10.29 -6.31
CA SER A 75 -12.78 11.04 -5.34
C SER A 75 -11.61 10.20 -4.85
N TYR A 76 -11.31 9.11 -5.55
CA TYR A 76 -10.24 8.19 -5.17
C TYR A 76 -9.13 8.01 -6.21
N THR A 77 -8.94 9.01 -7.06
CA THR A 77 -7.77 8.97 -7.94
C THR A 77 -6.49 9.14 -7.15
N GLY A 78 -5.38 8.83 -7.79
CA GLY A 78 -4.08 8.99 -7.14
C GLY A 78 -3.87 10.46 -6.80
N PHE A 79 -4.40 11.34 -7.64
CA PHE A 79 -4.21 12.77 -7.46
C PHE A 79 -4.88 13.28 -6.19
N HIS A 80 -6.09 12.77 -5.91
CA HIS A 80 -6.76 13.10 -4.67
C HIS A 80 -5.95 12.67 -3.46
N ILE A 81 -5.40 11.46 -3.50
CA ILE A 81 -4.63 10.95 -2.36
C ILE A 81 -3.33 11.73 -2.21
N VAL A 82 -2.65 12.00 -3.31
CA VAL A 82 -1.41 12.77 -3.21
C VAL A 82 -1.76 14.19 -2.79
N GLY A 83 -2.91 14.67 -3.24
CA GLY A 83 -3.45 15.90 -2.69
C GLY A 83 -3.53 15.90 -1.17
N ASP A 84 -4.01 14.79 -0.58
CA ASP A 84 -4.11 14.70 0.87
C ASP A 84 -2.73 14.74 1.54
N LEU A 85 -1.74 14.09 0.93
CA LEU A 85 -0.43 13.94 1.54
C LEU A 85 0.44 15.20 1.47
N ILE A 86 0.38 15.90 0.33
CA ILE A 86 1.08 17.18 0.20
C ILE A 86 0.60 18.13 1.28
N ALA A 87 -0.71 18.18 1.51
CA ALA A 87 -1.28 19.00 2.57
C ALA A 87 -0.81 18.57 3.95
N LEU A 88 -0.81 17.26 4.20
CA LEU A 88 -0.37 16.74 5.49
C LEU A 88 1.11 17.09 5.76
N ILE A 89 1.95 16.87 4.77
CA ILE A 89 3.37 17.18 4.88
C ILE A 89 3.56 18.67 5.19
N ASP A 90 2.67 19.51 4.67
CA ASP A 90 2.75 20.93 4.94
C ASP A 90 2.35 21.24 6.38
N LEU A 91 1.39 20.51 6.92
CA LEU A 91 1.07 20.64 8.34
C LEU A 91 2.23 20.18 9.20
N LEU A 92 3.01 19.23 8.69
CA LEU A 92 4.16 18.70 9.42
C LEU A 92 5.24 19.77 9.46
N GLY A 93 5.17 20.74 8.55
CA GLY A 93 6.07 21.87 8.55
C GLY A 93 7.42 21.63 7.90
N VAL A 94 7.52 20.61 7.07
CA VAL A 94 8.81 20.27 6.46
C VAL A 94 8.80 20.33 4.93
N ASP A 95 9.96 20.61 4.34
CA ASP A 95 10.07 20.62 2.89
C ASP A 95 10.14 19.19 2.35
N GLN A 96 11.04 18.39 2.94
CA GLN A 96 11.27 17.02 2.51
C GLN A 96 10.87 15.97 3.54
N VAL A 97 10.52 14.79 3.05
CA VAL A 97 10.25 13.65 3.91
C VAL A 97 11.08 12.44 3.48
N PHE A 98 11.22 11.48 4.40
CA PHE A 98 11.56 10.10 4.03
C PHE A 98 10.27 9.29 3.84
N LEU A 99 10.18 8.59 2.72
CA LEU A 99 8.95 7.87 2.36
C LEU A 99 9.07 6.35 2.53
N VAL A 100 8.10 5.75 3.22
CA VAL A 100 8.00 4.28 3.35
C VAL A 100 6.55 3.84 3.11
N ALA A 101 6.35 2.95 2.14
CA ALA A 101 5.00 2.59 1.76
C ALA A 101 4.86 1.12 1.32
N HIS A 102 3.64 0.61 1.31
CA HIS A 102 3.40 -0.81 1.09
C HIS A 102 2.08 -1.01 0.33
N ASP A 103 2.10 -1.80 -0.75
CA ASP A 103 0.87 -2.15 -1.47
C ASP A 103 0.27 -0.91 -2.15
N TRP A 104 -1.01 -0.64 -1.93
CA TRP A 104 -1.60 0.60 -2.44
C TRP A 104 -0.87 1.87 -1.96
N GLY A 105 -0.40 1.85 -0.72
CA GLY A 105 0.38 2.97 -0.20
C GLY A 105 1.61 3.19 -1.06
N ALA A 106 2.17 2.10 -1.58
CA ALA A 106 3.34 2.18 -2.44
C ALA A 106 3.01 2.84 -3.77
N ILE A 107 1.84 2.54 -4.32
CA ILE A 107 1.45 3.15 -5.58
C ILE A 107 1.23 4.66 -5.40
N ILE A 108 0.63 5.02 -4.27
CA ILE A 108 0.43 6.42 -3.93
C ILE A 108 1.80 7.05 -3.74
N GLY A 109 2.70 6.33 -3.08
CA GLY A 109 4.07 6.77 -2.87
C GLY A 109 4.76 7.10 -4.17
N TRP A 110 4.61 6.22 -5.16
CA TRP A 110 5.18 6.43 -6.48
C TRP A 110 4.65 7.68 -7.18
N TYR A 111 3.33 7.92 -7.07
CA TYR A 111 2.70 9.08 -7.71
C TYR A 111 3.26 10.33 -7.07
N LEU A 112 3.45 10.28 -5.76
CA LEU A 112 4.07 11.35 -5.01
C LEU A 112 5.50 11.62 -5.50
N CYS A 113 6.33 10.57 -5.60
CA CYS A 113 7.69 10.76 -6.13
C CYS A 113 7.69 11.28 -7.58
N THR A 114 6.59 11.06 -8.30
CA THR A 114 6.52 11.48 -9.71
C THR A 114 6.19 12.96 -9.80
N PHE A 115 5.27 13.40 -8.95
CA PHE A 115 4.79 14.76 -9.01
C PHE A 115 5.78 15.66 -8.29
N HIS A 116 6.15 15.27 -7.07
CA HIS A 116 7.03 16.09 -6.25
C HIS A 116 8.23 15.36 -5.68
N PRO A 117 9.17 14.95 -6.55
CA PRO A 117 10.38 14.26 -6.14
C PRO A 117 11.18 15.08 -5.15
N ASP A 118 11.14 16.39 -5.31
CA ASP A 118 11.88 17.32 -4.46
C ASP A 118 11.40 17.30 -3.01
N ARG A 119 10.25 16.68 -2.77
CA ARG A 119 9.71 16.63 -1.42
C ARG A 119 10.08 15.29 -0.78
N VAL A 120 10.69 14.40 -1.57
CA VAL A 120 11.10 13.11 -1.03
C VAL A 120 12.61 12.93 -1.05
N LYS A 121 13.16 12.78 0.15
CA LYS A 121 14.59 12.56 0.32
C LYS A 121 14.99 11.18 -0.24
N ALA A 122 14.29 10.14 0.25
CA ALA A 122 14.55 8.76 -0.19
C ALA A 122 13.35 7.88 0.13
N TYR A 123 13.17 6.83 -0.67
CA TYR A 123 11.93 6.04 -0.64
C TYR A 123 12.18 4.57 -0.36
N VAL A 124 11.57 4.05 0.70
CA VAL A 124 11.57 2.64 1.00
C VAL A 124 10.24 2.04 0.57
N CYS A 125 10.27 1.31 -0.54
CA CYS A 125 9.06 0.80 -1.18
C CYS A 125 8.91 -0.69 -0.94
N LEU A 126 7.81 -1.09 -0.31
CA LEU A 126 7.56 -2.51 -0.08
C LEU A 126 6.49 -3.03 -1.04
N SER A 127 6.69 -4.28 -1.50
CA SER A 127 5.69 -5.05 -2.24
C SER A 127 5.49 -4.63 -3.72
N VAL A 128 5.10 -3.37 -3.97
CA VAL A 128 4.74 -2.96 -5.32
C VAL A 128 5.71 -1.96 -5.96
N PRO A 129 6.39 -2.36 -7.03
CA PRO A 129 7.32 -1.44 -7.68
C PRO A 129 6.58 -0.49 -8.61
N LEU A 130 7.29 0.39 -9.30
CA LEU A 130 6.62 1.36 -10.15
C LEU A 130 5.69 0.71 -11.17
N LEU A 131 4.44 1.15 -11.18
CA LEU A 131 3.51 0.76 -12.23
C LEU A 131 3.87 1.48 -13.54
N HIS A 132 4.77 0.86 -14.32
CA HIS A 132 5.25 1.45 -15.57
C HIS A 132 4.10 1.75 -16.52
N ARG A 133 4.03 2.98 -17.03
CA ARG A 133 2.91 3.35 -17.89
C ARG A 133 3.16 2.98 -19.33
N ASP A 134 2.52 1.91 -19.76
CA ASP A 134 2.55 1.46 -21.14
C ASP A 134 1.59 2.33 -21.96
N PRO A 135 2.13 3.11 -22.90
CA PRO A 135 1.25 3.94 -23.75
C PRO A 135 0.21 3.12 -24.51
N ASN A 136 0.55 1.88 -24.85
CA ASN A 136 -0.30 1.03 -25.68
C ASN A 136 -1.46 0.33 -24.99
N ILE A 137 -1.45 0.26 -23.66
CA ILE A 137 -2.55 -0.43 -22.98
C ILE A 137 -2.79 0.10 -21.55
N ARG A 138 -4.06 0.18 -21.17
CA ARG A 138 -4.44 0.67 -19.85
C ARG A 138 -4.13 -0.37 -18.79
N THR A 139 -3.83 0.09 -17.59
CA THR A 139 -3.46 -0.74 -16.45
C THR A 139 -4.31 -2.00 -16.25
N VAL A 140 -5.62 -1.82 -16.16
CA VAL A 140 -6.50 -2.96 -15.85
C VAL A 140 -6.84 -3.75 -17.10
N ASP A 141 -6.73 -3.10 -18.26
CA ASP A 141 -6.91 -3.78 -19.54
C ASP A 141 -5.80 -4.80 -19.71
N ALA A 142 -4.59 -4.41 -19.35
CA ALA A 142 -3.46 -5.32 -19.44
C ALA A 142 -3.56 -6.48 -18.45
N MET A 143 -4.26 -6.26 -17.34
CA MET A 143 -4.39 -7.29 -16.30
C MET A 143 -5.43 -8.33 -16.68
N ARG A 144 -6.51 -7.85 -17.28
CA ARG A 144 -7.60 -8.68 -17.73
C ARG A 144 -7.14 -9.50 -18.94
N ALA A 145 -6.33 -8.90 -19.80
CA ALA A 145 -5.77 -9.59 -20.94
C ALA A 145 -4.88 -10.74 -20.47
N MET A 146 -4.36 -10.63 -19.25
CA MET A 146 -3.35 -11.56 -18.78
C MET A 146 -3.92 -12.64 -17.88
N TYR A 147 -4.96 -12.31 -17.12
CA TYR A 147 -5.48 -13.24 -16.13
C TYR A 147 -6.99 -13.46 -16.24
N GLY A 148 -7.63 -12.77 -17.17
CA GLY A 148 -9.07 -12.89 -17.31
C GLY A 148 -9.87 -12.11 -16.27
N ASP A 149 -11.20 -12.26 -16.35
CA ASP A 149 -12.13 -11.41 -15.61
C ASP A 149 -12.15 -11.65 -14.10
N ASP A 150 -11.68 -12.82 -13.69
CA ASP A 150 -11.77 -13.21 -12.28
C ASP A 150 -10.49 -12.91 -11.51
N TYR A 151 -9.51 -12.31 -12.19
CA TYR A 151 -8.38 -11.72 -11.48
C TYR A 151 -8.95 -10.70 -10.48
N TYR A 152 -8.52 -10.79 -9.22
CA TYR A 152 -9.10 -9.95 -8.16
C TYR A 152 -9.28 -8.45 -8.51
N ILE A 153 -8.34 -7.87 -9.23
CA ILE A 153 -8.46 -6.46 -9.57
C ILE A 153 -9.60 -6.19 -10.55
N CYS A 154 -9.75 -7.05 -11.55
CA CYS A 154 -10.91 -7.00 -12.45
C CYS A 154 -12.24 -7.16 -11.68
N ARG A 155 -12.25 -8.05 -10.68
CA ARG A 155 -13.44 -8.31 -9.88
C ARG A 155 -13.79 -7.14 -8.95
N PHE A 156 -12.79 -6.32 -8.60
CA PHE A 156 -12.98 -5.19 -7.69
C PHE A 156 -13.62 -3.98 -8.43
N GLN A 157 -13.73 -4.05 -9.75
CA GLN A 157 -14.08 -2.87 -10.55
C GLN A 157 -15.55 -2.42 -10.47
N LYS A 158 -16.47 -3.37 -10.58
CA LYS A 158 -17.90 -3.08 -10.62
C LYS A 158 -18.41 -2.64 -9.26
N PRO A 159 -18.95 -1.42 -9.19
CA PRO A 159 -19.43 -0.89 -7.91
C PRO A 159 -20.38 -1.81 -7.17
N GLY A 160 -20.15 -1.92 -5.86
CA GLY A 160 -21.05 -2.64 -4.98
C GLY A 160 -20.98 -4.16 -5.01
N GLU A 161 -20.44 -4.73 -6.09
CA GLU A 161 -20.46 -6.19 -6.23
C GLU A 161 -19.51 -6.95 -5.29
N MET A 162 -18.25 -6.53 -5.26
CA MET A 162 -17.31 -7.21 -4.37
C MET A 162 -17.73 -6.98 -2.92
N GLU A 163 -18.31 -5.81 -2.66
CA GLU A 163 -18.79 -5.52 -1.29
C GLU A 163 -19.84 -6.51 -0.80
N ALA A 164 -20.73 -6.92 -1.71
CA ALA A 164 -21.80 -7.84 -1.37
C ALA A 164 -21.22 -9.25 -1.15
N GLN A 165 -20.41 -9.70 -2.08
CA GLN A 165 -19.68 -10.96 -1.94
C GLN A 165 -18.88 -11.04 -0.64
N MET A 166 -18.14 -9.98 -0.34
CA MET A 166 -17.45 -9.88 0.95
C MET A 166 -18.42 -9.91 2.14
N ALA A 167 -19.60 -9.30 1.98
CA ALA A 167 -20.59 -9.26 3.05
C ALA A 167 -21.18 -10.63 3.34
N GLU A 168 -21.19 -11.48 2.31
CA GLU A 168 -21.74 -12.82 2.43
C GLU A 168 -20.90 -13.63 3.41
N VAL A 169 -19.58 -13.62 3.20
CA VAL A 169 -18.67 -14.42 4.01
C VAL A 169 -18.31 -13.76 5.35
N GLY A 170 -18.48 -12.44 5.42
CA GLY A 170 -18.18 -11.71 6.65
C GLY A 170 -16.85 -10.96 6.67
N THR A 171 -16.86 -9.80 7.30
CA THR A 171 -15.65 -8.96 7.42
C THR A 171 -14.45 -9.70 8.03
N GLU A 172 -14.67 -10.40 9.14
CA GLU A 172 -13.59 -11.10 9.81
C GLU A 172 -13.00 -12.19 8.91
N TYR A 173 -13.87 -12.91 8.21
CA TYR A 173 -13.41 -13.93 7.31
C TYR A 173 -12.52 -13.32 6.24
N VAL A 174 -13.03 -12.30 5.56
CA VAL A 174 -12.27 -11.64 4.50
C VAL A 174 -10.87 -11.20 4.93
N LEU A 175 -10.78 -10.55 6.10
CA LEU A 175 -9.51 -10.04 6.57
C LEU A 175 -8.56 -11.20 6.92
N LYS A 176 -9.06 -12.18 7.67
CA LYS A 176 -8.26 -13.36 8.01
C LYS A 176 -7.83 -14.08 6.74
N ASN A 177 -8.72 -14.13 5.77
CA ASN A 177 -8.45 -14.77 4.49
C ASN A 177 -7.30 -14.11 3.75
N ILE A 178 -7.34 -12.78 3.64
CA ILE A 178 -6.28 -12.06 2.95
C ILE A 178 -5.00 -12.06 3.80
N LEU A 179 -5.16 -11.80 5.09
CA LEU A 179 -3.98 -11.58 5.92
C LEU A 179 -3.13 -12.84 6.07
N THR A 180 -3.75 -14.00 5.97
CA THR A 180 -3.02 -15.25 6.22
C THR A 180 -2.57 -15.97 4.96
N THR A 181 -2.72 -15.34 3.80
CA THR A 181 -2.34 -16.00 2.55
C THR A 181 -0.81 -16.15 2.40
N ARG A 182 -0.35 -17.31 1.97
CA ARG A 182 1.06 -17.51 1.68
C ARG A 182 1.23 -18.08 0.27
N LYS A 183 0.11 -18.26 -0.41
CA LYS A 183 0.10 -18.84 -1.75
C LYS A 183 0.44 -17.81 -2.82
N PRO A 184 1.51 -18.07 -3.61
CA PRO A 184 2.00 -17.13 -4.63
C PRO A 184 1.21 -17.18 -5.93
N GLY A 185 1.42 -16.20 -6.80
CA GLY A 185 0.72 -16.13 -8.09
C GLY A 185 -0.48 -15.20 -8.04
N PRO A 186 -1.06 -14.88 -9.21
CA PRO A 186 -2.19 -13.96 -9.32
C PRO A 186 -3.37 -14.45 -8.52
N PRO A 187 -3.91 -13.60 -7.65
CA PRO A 187 -5.14 -14.01 -6.96
C PRO A 187 -6.31 -14.04 -7.94
N ILE A 188 -6.89 -15.22 -8.15
CA ILE A 188 -8.02 -15.39 -9.06
C ILE A 188 -9.18 -15.93 -8.27
N PHE A 189 -10.30 -15.20 -8.25
CA PHE A 189 -11.48 -15.58 -7.47
C PHE A 189 -12.35 -16.63 -8.18
N PRO A 190 -13.15 -17.40 -7.43
CA PRO A 190 -14.13 -18.26 -8.10
C PRO A 190 -15.23 -17.39 -8.67
N LYS A 191 -15.87 -17.82 -9.75
CA LYS A 191 -16.99 -17.07 -10.35
C LYS A 191 -18.15 -16.80 -9.38
N GLY A 192 -18.79 -15.64 -9.54
CA GLY A 192 -20.01 -15.32 -8.83
C GLY A 192 -20.00 -15.19 -7.31
N GLU A 193 -18.85 -15.36 -6.66
CA GLU A 193 -18.81 -15.24 -5.19
C GLU A 193 -17.41 -15.01 -4.61
N TYR A 194 -17.33 -14.83 -3.30
CA TYR A 194 -16.03 -14.65 -2.67
C TYR A 194 -15.32 -16.00 -2.54
N GLY A 195 -16.06 -17.01 -2.09
CA GLY A 195 -15.54 -18.35 -1.94
C GLY A 195 -14.38 -18.33 -0.98
N THR A 196 -13.27 -18.94 -1.36
CA THR A 196 -12.05 -18.92 -0.54
C THR A 196 -11.15 -17.75 -0.92
N GLY A 197 -11.63 -16.87 -1.80
CA GLY A 197 -10.96 -15.63 -2.13
C GLY A 197 -9.48 -15.69 -2.45
N PHE A 198 -8.67 -15.07 -1.59
CA PHE A 198 -7.22 -15.02 -1.77
C PHE A 198 -6.52 -16.29 -1.27
N ASN A 199 -7.22 -17.11 -0.50
CA ASN A 199 -6.57 -18.16 0.27
C ASN A 199 -7.43 -19.41 0.43
N PRO A 200 -7.18 -20.42 -0.41
CA PRO A 200 -7.87 -21.71 -0.31
C PRO A 200 -7.31 -22.60 0.81
N ASP A 201 -6.33 -22.10 1.55
CA ASP A 201 -5.64 -22.91 2.56
C ASP A 201 -5.60 -22.26 3.93
N MET A 202 -6.73 -21.72 4.39
CA MET A 202 -6.77 -20.93 5.62
C MET A 202 -6.46 -21.72 6.89
N PRO A 203 -5.45 -21.27 7.64
CA PRO A 203 -5.06 -21.93 8.90
C PRO A 203 -6.10 -21.77 10.00
N ASN A 204 -6.15 -22.71 10.93
CA ASN A 204 -7.05 -22.59 12.07
C ASN A 204 -6.56 -21.49 13.01
N SER A 205 -5.25 -21.48 13.23
CA SER A 205 -4.63 -20.49 14.09
C SER A 205 -3.87 -19.49 13.22
N LEU A 206 -3.89 -18.25 13.63
CA LEU A 206 -3.19 -17.18 12.94
C LEU A 206 -1.68 -17.42 13.01
N PRO A 207 -0.95 -16.99 11.99
CA PRO A 207 0.51 -17.08 12.06
C PRO A 207 1.02 -16.24 13.23
N SER A 208 2.23 -16.54 13.67
CA SER A 208 2.80 -15.95 14.88
C SER A 208 3.13 -14.44 14.78
N TRP A 209 3.00 -13.85 13.61
CA TRP A 209 3.32 -12.43 13.45
C TRP A 209 2.07 -11.58 13.63
N LEU A 210 0.94 -12.26 13.74
CA LEU A 210 -0.37 -11.64 13.81
C LEU A 210 -1.07 -12.19 15.05
N THR A 211 -1.48 -11.30 15.95
CA THR A 211 -2.18 -11.71 17.16
C THR A 211 -3.68 -11.65 16.94
N GLN A 212 -4.42 -12.40 17.76
CA GLN A 212 -5.87 -12.32 17.81
C GLN A 212 -6.34 -10.88 18.07
N ASP A 213 -5.56 -10.12 18.83
CA ASP A 213 -5.82 -8.70 19.04
C ASP A 213 -5.67 -7.91 17.75
N ASP A 214 -4.55 -8.11 17.06
CA ASP A 214 -4.31 -7.51 15.76
C ASP A 214 -5.47 -7.71 14.79
N LEU A 215 -5.87 -8.96 14.58
CA LEU A 215 -7.02 -9.24 13.74
C LEU A 215 -8.25 -8.43 14.18
N ALA A 216 -8.49 -8.35 15.50
CA ALA A 216 -9.68 -7.69 16.04
C ALA A 216 -9.69 -6.19 15.83
N TYR A 217 -8.51 -5.58 15.84
CA TYR A 217 -8.41 -4.15 15.64
C TYR A 217 -8.73 -3.82 14.19
N TYR A 218 -8.25 -4.68 13.29
CA TYR A 218 -8.58 -4.55 11.88
C TYR A 218 -10.09 -4.70 11.69
N VAL A 219 -10.64 -5.79 12.22
CA VAL A 219 -12.04 -6.12 12.08
C VAL A 219 -12.94 -5.05 12.72
N SER A 220 -12.44 -4.42 13.77
CA SER A 220 -13.23 -3.40 14.45
C SER A 220 -13.40 -2.17 13.56
N LYS A 221 -12.39 -1.87 12.75
CA LYS A 221 -12.46 -0.68 11.90
C LYS A 221 -13.23 -0.94 10.62
N TYR A 222 -12.95 -2.06 9.97
CA TYR A 222 -13.62 -2.40 8.72
C TYR A 222 -15.11 -2.72 8.88
N GLU A 223 -15.52 -3.17 10.07
CA GLU A 223 -16.93 -3.46 10.31
C GLU A 223 -17.78 -2.19 10.34
N LYS A 224 -17.13 -1.06 10.63
CA LYS A 224 -17.78 0.24 10.63
C LYS A 224 -17.67 0.93 9.25
N THR A 225 -16.50 0.88 8.62
CA THR A 225 -16.27 1.57 7.36
C THR A 225 -16.68 0.72 6.16
N GLY A 226 -16.62 -0.59 6.30
CA GLY A 226 -16.83 -1.46 5.16
C GLY A 226 -15.65 -1.34 4.22
N PHE A 227 -15.80 -1.85 3.00
CA PHE A 227 -14.66 -2.03 2.10
C PHE A 227 -14.66 -1.07 0.92
N THR A 228 -15.74 -0.31 0.76
CA THR A 228 -15.94 0.50 -0.43
C THR A 228 -14.82 1.49 -0.71
N GLY A 229 -14.48 2.33 0.26
CA GLY A 229 -13.44 3.35 0.09
C GLY A 229 -12.09 2.80 -0.39
N PRO A 230 -11.59 1.78 0.29
CA PRO A 230 -10.40 1.06 -0.15
C PRO A 230 -10.56 0.39 -1.52
N LEU A 231 -11.75 -0.16 -1.82
CA LEU A 231 -11.97 -0.74 -3.15
C LEU A 231 -11.94 0.34 -4.23
N ASN A 232 -12.31 1.56 -3.87
CA ASN A 232 -12.41 2.62 -4.87
C ASN A 232 -11.08 3.03 -5.49
N TYR A 233 -9.97 2.75 -4.82
CA TYR A 233 -8.63 2.98 -5.36
C TYR A 233 -8.38 2.19 -6.65
N TYR A 234 -8.67 0.87 -6.59
CA TYR A 234 -8.59 -0.02 -7.76
C TYR A 234 -9.52 0.41 -8.88
N ARG A 235 -10.66 1.02 -8.50
CA ARG A 235 -11.64 1.46 -9.48
C ARG A 235 -11.18 2.69 -10.26
N ASN A 236 -10.07 3.29 -9.82
CA ASN A 236 -9.53 4.44 -10.54
C ASN A 236 -8.22 4.13 -11.25
N MET A 237 -7.88 2.85 -11.33
CA MET A 237 -6.64 2.47 -11.96
C MET A 237 -6.58 2.88 -13.42
N ASN A 238 -7.64 2.65 -14.18
CA ASN A 238 -7.62 3.12 -15.57
C ASN A 238 -7.65 4.65 -15.65
N LEU A 239 -8.37 5.30 -14.74
CA LEU A 239 -8.46 6.75 -14.76
C LEU A 239 -7.08 7.32 -14.41
N ASN A 240 -6.40 6.70 -13.45
CA ASN A 240 -5.04 7.08 -13.08
C ASN A 240 -4.12 6.96 -14.29
N TRP A 241 -4.39 5.94 -15.11
CA TRP A 241 -3.53 5.69 -16.27
C TRP A 241 -3.69 6.81 -17.29
N GLU A 242 -4.93 7.17 -17.56
CA GLU A 242 -5.24 8.20 -18.54
C GLU A 242 -4.66 9.55 -18.11
N LEU A 243 -4.90 9.91 -16.86
CA LEU A 243 -4.49 11.21 -16.31
C LEU A 243 -2.98 11.35 -16.18
N THR A 244 -2.25 10.22 -16.16
CA THR A 244 -0.79 10.27 -15.98
C THR A 244 -0.05 10.36 -17.32
N ALA A 245 -0.81 10.55 -18.40
CA ALA A 245 -0.23 10.82 -19.71
C ALA A 245 0.89 11.89 -19.72
N PRO A 246 0.75 12.99 -18.94
CA PRO A 246 1.86 13.95 -18.95
C PRO A 246 3.21 13.36 -18.55
N TRP A 247 3.20 12.22 -17.87
CA TRP A 247 4.45 11.66 -17.39
C TRP A 247 4.84 10.37 -18.13
N SER A 248 4.36 10.21 -19.36
CA SER A 248 4.65 8.98 -20.11
C SER A 248 6.12 8.92 -20.55
N GLY A 249 6.74 7.77 -20.34
CA GLY A 249 8.14 7.57 -20.68
C GLY A 249 9.07 8.30 -19.75
N GLY A 250 8.52 8.87 -18.68
CA GLY A 250 9.33 9.62 -17.74
C GLY A 250 10.12 8.73 -16.81
N LYS A 251 11.05 9.33 -16.07
CA LYS A 251 11.86 8.59 -15.10
C LYS A 251 11.83 9.27 -13.74
N ILE A 252 12.03 8.47 -12.71
CA ILE A 252 11.93 8.94 -11.33
C ILE A 252 13.31 8.94 -10.68
N GLN A 253 13.76 10.09 -10.21
CA GLN A 253 15.13 10.23 -9.73
C GLN A 253 15.30 10.08 -8.22
N VAL A 254 14.20 9.97 -7.49
CA VAL A 254 14.27 9.77 -6.05
C VAL A 254 15.02 8.48 -5.74
N PRO A 255 15.89 8.49 -4.70
CA PRO A 255 16.56 7.29 -4.21
C PRO A 255 15.55 6.26 -3.74
N VAL A 256 15.61 5.04 -4.27
CA VAL A 256 14.64 4.01 -3.90
C VAL A 256 15.27 2.69 -3.41
N LYS A 257 14.83 2.24 -2.24
CA LYS A 257 15.13 0.89 -1.75
C LYS A 257 13.89 -0.01 -1.81
N PHE A 258 13.88 -0.97 -2.74
CA PHE A 258 12.74 -1.86 -2.91
C PHE A 258 12.88 -3.21 -2.21
N ILE A 259 11.94 -3.50 -1.31
CA ILE A 259 11.93 -4.76 -0.56
C ILE A 259 10.63 -5.53 -0.76
N THR A 260 10.72 -6.84 -1.05
CA THR A 260 9.52 -7.67 -1.13
C THR A 260 9.67 -9.08 -0.53
N GLY A 261 8.58 -9.56 0.07
CA GLY A 261 8.49 -10.94 0.46
C GLY A 261 8.56 -11.80 -0.77
N GLU A 262 9.16 -12.97 -0.62
CA GLU A 262 9.39 -13.87 -1.74
C GLU A 262 8.08 -14.47 -2.23
N LEU A 263 7.14 -14.68 -1.30
CA LEU A 263 5.87 -15.31 -1.62
C LEU A 263 4.74 -14.32 -1.92
N ASP A 264 5.10 -13.05 -2.02
CA ASP A 264 4.14 -12.00 -2.31
C ASP A 264 3.47 -12.30 -3.65
N GLN A 265 2.15 -12.16 -3.70
CA GLN A 265 1.44 -12.32 -4.95
C GLN A 265 1.91 -11.31 -5.99
N VAL A 266 2.30 -10.11 -5.55
CA VAL A 266 2.67 -9.07 -6.51
C VAL A 266 3.94 -9.48 -7.27
N TYR A 267 4.88 -10.05 -6.54
CA TYR A 267 6.19 -10.42 -7.05
C TYR A 267 6.08 -11.64 -7.97
N THR A 268 5.16 -12.53 -7.61
CA THR A 268 4.94 -13.76 -8.37
C THR A 268 3.79 -13.64 -9.38
N SER A 269 3.59 -12.44 -9.90
CA SER A 269 2.60 -12.20 -10.95
C SER A 269 2.97 -10.98 -11.80
N LEU A 270 2.15 -10.70 -12.80
CA LEU A 270 2.23 -9.47 -13.61
C LEU A 270 3.59 -9.21 -14.27
N ASN A 271 4.36 -10.28 -14.43
CA ASN A 271 5.70 -10.24 -15.00
C ASN A 271 6.68 -9.42 -14.16
N MET A 272 6.41 -9.37 -12.86
CA MET A 272 7.09 -8.41 -12.00
C MET A 272 8.57 -8.73 -11.82
N LYS A 273 8.92 -10.02 -11.70
CA LYS A 273 10.34 -10.42 -11.60
C LYS A 273 11.15 -9.91 -12.78
N GLU A 274 10.68 -10.23 -13.98
CA GLU A 274 11.27 -9.72 -15.20
C GLU A 274 11.43 -8.20 -15.15
N TYR A 275 10.40 -7.50 -14.71
CA TYR A 275 10.48 -6.04 -14.57
C TYR A 275 11.47 -5.63 -13.48
N ILE A 276 11.37 -6.28 -12.33
CA ILE A 276 12.17 -5.89 -11.17
C ILE A 276 13.66 -6.10 -11.38
N HIS A 277 14.05 -7.31 -11.78
CA HIS A 277 15.46 -7.69 -11.86
C HIS A 277 16.00 -7.50 -13.26
N GLY A 278 15.12 -7.61 -14.26
CA GLY A 278 15.54 -7.65 -15.64
C GLY A 278 16.22 -6.40 -16.17
N GLY A 279 16.05 -5.28 -15.48
CA GLY A 279 16.59 -4.01 -15.93
C GLY A 279 15.55 -2.94 -16.20
N GLY A 280 14.31 -3.35 -16.42
CA GLY A 280 13.23 -2.41 -16.66
C GLY A 280 12.93 -1.49 -15.48
N PHE A 281 13.00 -2.02 -14.27
CA PHE A 281 12.73 -1.25 -13.06
C PHE A 281 13.85 -0.24 -12.81
N LYS A 282 15.08 -0.68 -13.02
CA LYS A 282 16.25 0.19 -12.91
C LYS A 282 16.25 1.32 -13.95
N GLN A 283 15.73 1.03 -15.13
CA GLN A 283 15.61 2.03 -16.21
C GLN A 283 14.56 3.10 -15.91
N ASP A 284 13.48 2.69 -15.25
CA ASP A 284 12.45 3.64 -14.83
C ASP A 284 12.89 4.45 -13.62
N VAL A 285 13.68 3.81 -12.74
CA VAL A 285 14.14 4.44 -11.50
C VAL A 285 15.66 4.33 -11.39
N PRO A 286 16.39 5.33 -11.96
CA PRO A 286 17.85 5.29 -12.10
C PRO A 286 18.59 5.14 -10.78
N ASN A 287 18.00 5.62 -9.70
CA ASN A 287 18.67 5.52 -8.41
C ASN A 287 18.05 4.47 -7.50
N LEU A 288 17.41 3.49 -8.11
CA LEU A 288 17.01 2.28 -7.39
C LEU A 288 18.28 1.62 -6.85
N GLU A 289 18.42 1.64 -5.52
CA GLU A 289 19.57 1.08 -4.85
C GLU A 289 19.42 -0.44 -4.83
N GLU A 290 19.14 -0.99 -3.67
CA GLU A 290 19.05 -2.44 -3.53
C GLU A 290 17.74 -2.93 -4.10
N VAL A 291 17.69 -4.24 -4.28
CA VAL A 291 16.44 -4.97 -4.35
C VAL A 291 16.63 -6.09 -3.35
N ILE A 292 15.75 -6.17 -2.37
CA ILE A 292 15.82 -7.19 -1.32
C ILE A 292 14.57 -8.07 -1.37
N VAL A 293 14.80 -9.36 -1.53
CA VAL A 293 13.73 -10.34 -1.58
C VAL A 293 13.86 -11.16 -0.34
N GLN A 294 12.81 -11.16 0.47
CA GLN A 294 12.84 -11.83 1.77
C GLN A 294 12.34 -13.26 1.65
N LYS A 295 13.24 -14.20 1.86
CA LYS A 295 12.94 -15.62 1.78
C LYS A 295 11.84 -16.03 2.76
N ASN A 296 10.92 -16.87 2.29
CA ASN A 296 9.83 -17.40 3.14
C ASN A 296 8.92 -16.39 3.82
N VAL A 297 8.73 -15.26 3.17
CA VAL A 297 7.93 -14.17 3.70
C VAL A 297 6.96 -13.83 2.58
N ALA A 298 5.69 -13.60 2.94
CA ALA A 298 4.64 -13.37 1.93
C ALA A 298 4.36 -11.88 1.76
N HIS A 299 3.11 -11.50 1.57
CA HIS A 299 2.76 -10.12 1.20
C HIS A 299 3.01 -9.05 2.29
N PHE A 300 2.64 -9.36 3.53
CA PHE A 300 2.66 -8.37 4.60
C PHE A 300 4.02 -8.33 5.31
N ASN A 301 5.06 -8.04 4.54
CA ASN A 301 6.42 -8.23 5.00
C ASN A 301 6.86 -7.30 6.14
N ASN A 302 6.18 -6.17 6.28
CA ASN A 302 6.50 -5.23 7.35
C ASN A 302 5.93 -5.69 8.68
N GLN A 303 5.02 -6.66 8.63
CA GLN A 303 4.49 -7.23 9.85
C GLN A 303 5.09 -8.61 10.09
N GLU A 304 5.37 -9.31 9.00
CA GLU A 304 5.87 -10.68 9.09
C GLU A 304 7.35 -10.70 9.42
N ALA A 305 8.09 -9.81 8.78
CA ALA A 305 9.52 -9.66 9.02
C ALA A 305 9.82 -8.28 9.55
N ALA A 306 9.27 -7.93 10.70
CA ALA A 306 9.29 -6.54 11.17
C ALA A 306 10.70 -6.01 11.43
N GLU A 307 11.51 -6.81 12.12
CA GLU A 307 12.86 -6.39 12.51
C GLU A 307 13.76 -6.09 11.30
N GLU A 308 13.69 -6.94 10.29
CA GLU A 308 14.50 -6.74 9.10
C GLU A 308 14.10 -5.46 8.39
N ILE A 309 12.79 -5.26 8.28
CA ILE A 309 12.24 -4.06 7.65
C ILE A 309 12.69 -2.80 8.39
N ASN A 310 12.47 -2.78 9.70
CA ASN A 310 13.00 -1.71 10.53
C ASN A 310 14.44 -1.36 10.19
N ASN A 311 15.30 -2.37 10.18
CA ASN A 311 16.73 -2.12 9.96
C ASN A 311 17.06 -1.79 8.52
N HIS A 312 16.27 -2.32 7.60
CA HIS A 312 16.46 -1.96 6.19
C HIS A 312 16.10 -0.50 5.92
N ILE A 313 15.10 -0.01 6.64
CA ILE A 313 14.70 1.39 6.50
C ILE A 313 15.80 2.30 7.04
N TYR A 314 16.11 2.12 8.32
CA TYR A 314 17.10 2.96 9.00
C TYR A 314 18.42 3.10 8.25
N ASP A 315 18.96 1.96 7.80
CA ASP A 315 20.22 1.95 7.10
C ASP A 315 20.15 2.71 5.80
N PHE A 316 19.04 2.54 5.08
CA PHE A 316 18.85 3.26 3.83
C PHE A 316 18.74 4.76 4.06
N ILE A 317 17.90 5.17 5.02
CA ILE A 317 17.63 6.60 5.19
C ILE A 317 18.80 7.35 5.82
N LYS A 318 19.67 6.60 6.50
CA LYS A 318 20.85 7.17 7.13
C LYS A 318 21.90 7.66 6.13
N LYS A 319 21.89 7.11 4.92
CA LYS A 319 22.79 7.56 3.86
C LYS A 319 22.51 9.00 3.40
N PHE A 320 21.38 9.56 3.82
CA PHE A 320 20.96 10.87 3.35
C PHE A 320 20.75 11.84 4.50
#